data_6SGD
#
_entry.id   6SGD
#
_cell.length_a   99.670
_cell.length_b   56.690
_cell.length_c   73.780
_cell.angle_alpha   90.000
_cell.angle_beta   129.710
_cell.angle_gamma   90.000
#
_symmetry.space_group_name_H-M   'C 1 2 1'
#
loop_
_entity.id
_entity.type
_entity.pdbx_description
1 polymer 'Serine/threonine-protein kinase Nek2'
2 non-polymer 'SODIUM ION'
3 non-polymer 'CHLORIDE ION'
4 non-polymer 4-[(6-ethenyl-7~{H}-purin-2-yl)amino]benzenesulfonamide
5 water water
#
_entity_poly.entity_id   1
_entity_poly.type   'polypeptide(L)'
_entity_poly.pdbx_seq_one_letter_code
;MPSRAEDYEVLYTIGTGSYGRCQKIRRKSDGKILVWKELDYGSMTEAEKQMLVSEVNLLRELKHPNIVRYYDRIIDRTNT
TLYIVMEYCEGGDLASVITKGTKERQYLDEEFVLRVMTQLTLALKECHRRSDGGHTVLHRDLKPANVFLDGKQNVKLGDF
GLARILNHDTSFAKTFVGTPYYMSPEQMNRMSYNEKSDIWSLGCLLYELCALMPPFTAFSQKELAGKIREGKFRRIPYRY
SDELNEIITRMLNLKDYHRPSVEEILENPLILEHHHHHH
;
_entity_poly.pdbx_strand_id   A
#
loop_
_chem_comp.id
_chem_comp.type
_chem_comp.name
_chem_comp.formula
CL non-polymer 'CHLORIDE ION' 'Cl -1'
LD5 non-polymer 4-[(6-ethenyl-7~{H}-purin-2-yl)amino]benzenesulfonamide 'C13 H12 N6 O2 S'
NA non-polymer 'SODIUM ION' 'Na 1'
#
# COMPACT_ATOMS: atom_id res chain seq x y z
N SER A 3 -14.67 22.39 2.74
CA SER A 3 -15.70 22.26 3.78
C SER A 3 -17.02 21.73 3.21
N ARG A 4 -17.43 22.23 2.05
CA ARG A 4 -18.67 21.84 1.40
C ARG A 4 -18.38 21.12 0.09
N ALA A 5 -19.13 20.06 -0.17
CA ALA A 5 -18.94 19.31 -1.42
C ALA A 5 -19.06 20.23 -2.63
N GLU A 6 -19.94 21.23 -2.54
CA GLU A 6 -20.17 22.17 -3.64
C GLU A 6 -18.93 22.96 -4.01
N ASP A 7 -17.90 22.98 -3.16
CA ASP A 7 -16.66 23.69 -3.46
C ASP A 7 -15.74 22.92 -4.39
N TYR A 8 -16.14 21.73 -4.82
CA TYR A 8 -15.31 20.89 -5.68
C TYR A 8 -16.14 20.38 -6.84
N GLU A 9 -15.47 20.18 -7.97
CA GLU A 9 -16.07 19.48 -9.11
C GLU A 9 -15.42 18.11 -9.25
N VAL A 10 -16.26 17.10 -9.43
CA VAL A 10 -15.79 15.74 -9.64
C VAL A 10 -15.33 15.60 -11.08
N LEU A 11 -14.06 15.25 -11.28
CA LEU A 11 -13.57 15.00 -12.62
C LEU A 11 -13.97 13.61 -13.09
N TYR A 12 -13.72 12.59 -12.26
CA TYR A 12 -14.18 11.26 -12.66
C TYR A 12 -13.90 10.26 -11.55
N THR A 13 -14.48 9.07 -11.69
CA THR A 13 -14.29 8.02 -10.71
C THR A 13 -13.01 7.25 -11.04
N ILE A 14 -12.10 7.17 -10.07
CA ILE A 14 -10.91 6.37 -10.25
C ILE A 14 -11.22 4.89 -10.04
N GLY A 15 -11.97 4.58 -8.99
CA GLY A 15 -12.28 3.20 -8.67
C GLY A 15 -13.38 3.13 -7.64
N THR A 16 -13.98 1.95 -7.55
CA THR A 16 -15.06 1.69 -6.60
C THR A 16 -14.63 0.56 -5.68
N GLY A 17 -13.56 0.80 -4.93
CA GLY A 17 -13.09 -0.14 -3.93
C GLY A 17 -14.04 -0.21 -2.75
N SER A 18 -13.61 -0.93 -1.73
CA SER A 18 -14.46 -1.16 -0.56
C SER A 18 -14.99 0.15 0.03
N TYR A 19 -16.23 0.10 0.52
CA TYR A 19 -16.92 1.13 1.29
C TYR A 19 -17.42 2.28 0.42
N GLY A 20 -17.08 2.34 -0.84
CA GLY A 20 -17.62 3.38 -1.70
C GLY A 20 -16.70 3.67 -2.86
N ARG A 21 -16.71 4.94 -3.28
CA ARG A 21 -15.91 5.39 -4.42
C ARG A 21 -14.78 6.30 -3.96
N CYS A 22 -13.80 6.55 -4.98
CA CYS A 22 -12.55 7.24 -5.23
C CYS A 22 -12.55 7.93 -6.59
N GLN A 23 -12.77 9.21 -6.00
CA GLN A 23 -13.03 10.12 -7.11
C GLN A 23 -11.96 11.20 -7.26
N LYS A 24 -11.51 11.44 -8.49
CA LYS A 24 -10.64 12.56 -8.80
C LYS A 24 -11.49 13.82 -8.90
N ILE A 25 -11.15 14.83 -8.10
CA ILE A 25 -11.91 16.06 -7.95
C ILE A 25 -10.98 17.25 -8.14
N ARG A 26 -11.58 18.42 -8.35
CA ARG A 26 -10.84 19.67 -8.48
C ARG A 26 -11.48 20.73 -7.60
N ARG A 27 -10.65 21.40 -6.81
CA ARG A 27 -11.13 22.46 -5.92
C ARG A 27 -11.36 23.72 -6.73
N LYS A 28 -12.59 24.23 -6.68
CA LYS A 28 -12.94 25.38 -7.52
C LYS A 28 -12.07 26.58 -7.22
N SER A 29 -11.82 26.85 -5.93
CA SER A 29 -11.13 28.07 -5.53
C SER A 29 -9.82 28.26 -6.29
N ASP A 30 -8.93 27.27 -6.25
CA ASP A 30 -7.62 27.39 -6.89
C ASP A 30 -7.35 26.33 -7.95
N GLY A 31 -8.30 25.44 -8.23
CA GLY A 31 -8.07 24.42 -9.23
C GLY A 31 -7.18 23.28 -8.78
N LYS A 32 -7.02 23.09 -7.47
CA LYS A 32 -6.14 22.05 -6.96
C LYS A 32 -6.74 20.67 -7.20
N ILE A 33 -5.94 19.76 -7.73
CA ILE A 33 -6.39 18.41 -8.04
C ILE A 33 -6.26 17.55 -6.79
N LEU A 34 -7.36 16.90 -6.39
CA LEU A 34 -7.38 16.07 -5.21
C LEU A 34 -8.15 14.80 -5.51
N VAL A 35 -8.34 13.96 -4.49
CA VAL A 35 -9.36 12.92 -4.58
C VAL A 35 -10.18 12.99 -3.31
N TRP A 36 -11.36 12.37 -3.34
CA TRP A 36 -12.05 12.10 -2.11
C TRP A 36 -12.61 10.70 -2.15
N LYS A 37 -12.75 10.12 -0.97
CA LYS A 37 -13.39 8.82 -0.79
C LYS A 37 -14.78 9.03 -0.22
N GLU A 38 -15.77 8.38 -0.85
CA GLU A 38 -17.18 8.46 -0.49
C GLU A 38 -17.52 7.34 0.49
N LEU A 39 -17.97 7.69 1.69
CA LEU A 39 -18.37 6.70 2.68
C LEU A 39 -19.82 6.96 3.08
N ASP A 40 -20.69 6.00 2.80
CA ASP A 40 -22.10 6.11 3.17
C ASP A 40 -22.22 5.89 4.67
N TYR A 41 -22.32 6.98 5.43
CA TYR A 41 -22.59 6.88 6.87
C TYR A 41 -23.99 6.34 7.16
N GLY A 42 -24.74 6.00 6.13
CA GLY A 42 -26.15 5.66 6.20
C GLY A 42 -26.63 4.81 7.35
N SER A 43 -26.09 3.60 7.46
CA SER A 43 -26.58 2.63 8.43
C SER A 43 -25.69 2.57 9.67
N MET A 44 -24.87 3.59 9.90
CA MET A 44 -23.98 3.58 11.06
C MET A 44 -24.75 3.91 12.33
N THR A 45 -24.07 3.75 13.46
CA THR A 45 -24.62 4.08 14.76
C THR A 45 -24.07 5.42 15.22
N GLU A 46 -24.70 5.98 16.26
CA GLU A 46 -24.11 7.12 16.94
C GLU A 46 -22.74 6.78 17.50
N ALA A 47 -22.46 5.48 17.70
CA ALA A 47 -21.17 4.99 18.16
C ALA A 47 -20.26 4.60 17.01
N GLU A 48 -20.79 3.84 16.04
CA GLU A 48 -20.03 3.54 14.82
C GLU A 48 -19.46 4.82 14.23
N LYS A 49 -20.30 5.84 14.09
CA LYS A 49 -19.82 7.14 13.65
C LYS A 49 -18.68 7.65 14.53
N GLN A 50 -18.70 7.32 15.82
CA GLN A 50 -17.63 7.74 16.70
C GLN A 50 -16.32 7.05 16.36
N MET A 51 -16.37 5.74 16.10
CA MET A 51 -15.17 5.04 15.64
C MET A 51 -14.65 5.65 14.35
N LEU A 52 -15.54 5.95 13.41
CA LEU A 52 -15.11 6.57 12.16
C LEU A 52 -14.44 7.91 12.42
N VAL A 53 -15.01 8.72 13.31
CA VAL A 53 -14.43 10.04 13.59
C VAL A 53 -13.05 9.90 14.23
N SER A 54 -12.92 8.94 15.16
CA SER A 54 -11.60 8.70 15.75
C SER A 54 -10.59 8.31 14.69
N GLU A 55 -10.97 7.41 13.78
CA GLU A 55 -10.06 7.00 12.73
C GLU A 55 -9.67 8.19 11.84
N VAL A 56 -10.64 9.04 11.50
CA VAL A 56 -10.33 10.15 10.60
C VAL A 56 -9.44 11.17 11.29
N ASN A 57 -9.64 11.38 12.60
CA ASN A 57 -8.72 12.23 13.34
C ASN A 57 -7.30 11.66 13.33
N LEU A 58 -7.18 10.36 13.61
CA LEU A 58 -5.89 9.70 13.56
C LEU A 58 -5.21 9.93 12.21
N LEU A 59 -5.94 9.72 11.11
CA LEU A 59 -5.34 9.89 9.80
C LEU A 59 -5.00 11.35 9.52
N ARG A 60 -5.80 12.28 10.03
CA ARG A 60 -5.44 13.69 9.94
C ARG A 60 -4.14 13.98 10.65
N GLU A 61 -3.79 13.16 11.64
CA GLU A 61 -2.51 13.37 12.35
C GLU A 61 -1.31 13.13 11.44
N LEU A 62 -1.38 12.10 10.59
CA LEU A 62 -0.20 11.66 9.85
C LEU A 62 0.26 12.70 8.83
N LYS A 63 1.56 12.97 8.81
CA LYS A 63 2.17 13.86 7.82
C LYS A 63 3.53 13.28 7.45
N HIS A 64 3.57 12.48 6.38
CA HIS A 64 4.79 11.84 5.92
C HIS A 64 4.80 11.80 4.40
N PRO A 65 5.92 12.12 3.77
CA PRO A 65 5.95 12.19 2.30
C PRO A 65 5.69 10.86 1.59
N ASN A 66 5.81 9.72 2.28
CA ASN A 66 5.52 8.44 1.66
C ASN A 66 4.18 7.86 2.11
N ILE A 67 3.30 8.69 2.65
CA ILE A 67 1.95 8.29 3.03
C ILE A 67 0.97 9.27 2.41
N VAL A 68 -0.06 8.76 1.74
CA VAL A 68 -1.05 9.63 1.12
C VAL A 68 -1.56 10.61 2.17
N ARG A 69 -1.54 11.90 1.84
CA ARG A 69 -1.84 12.95 2.82
C ARG A 69 -3.34 13.19 2.92
N TYR A 70 -3.85 13.17 4.14
CA TYR A 70 -5.22 13.58 4.42
C TYR A 70 -5.30 15.11 4.39
N TYR A 71 -6.43 15.62 3.91
CA TYR A 71 -6.56 17.07 3.81
C TYR A 71 -7.82 17.58 4.51
N ASP A 72 -8.94 16.92 4.26
CA ASP A 72 -10.21 17.44 4.76
C ASP A 72 -11.23 16.33 4.83
N ARG A 73 -12.26 16.56 5.65
CA ARG A 73 -13.47 15.75 5.66
C ARG A 73 -14.66 16.66 5.38
N ILE A 74 -15.65 16.10 4.70
CA ILE A 74 -16.83 16.87 4.27
C ILE A 74 -18.07 16.04 4.55
N ILE A 75 -19.06 16.67 5.19
CA ILE A 75 -20.35 16.05 5.48
C ILE A 75 -21.37 16.55 4.48
N ASP A 76 -22.16 15.63 3.95
CA ASP A 76 -23.27 15.94 3.07
C ASP A 76 -24.54 16.07 3.89
N ARG A 77 -25.54 16.73 3.31
CA ARG A 77 -26.87 16.77 3.89
C ARG A 77 -27.95 16.32 2.93
N THR A 78 -27.61 15.76 1.77
CA THR A 78 -28.63 15.41 0.80
C THR A 78 -28.56 13.97 0.25
N ASN A 79 -28.13 12.97 1.05
CA ASN A 79 -27.42 13.09 2.32
C ASN A 79 -26.79 11.74 2.63
N THR A 80 -26.18 11.57 3.81
CA THR A 80 -25.71 10.28 4.30
C THR A 80 -24.32 9.92 3.81
N THR A 81 -23.53 10.91 3.40
CA THR A 81 -22.26 10.69 2.73
C THR A 81 -21.17 11.52 3.38
N LEU A 82 -20.07 10.87 3.72
CA LEU A 82 -18.87 11.49 4.24
C LEU A 82 -17.80 11.47 3.17
N TYR A 83 -17.19 12.62 2.91
CA TYR A 83 -16.16 12.76 1.90
C TYR A 83 -14.82 12.96 2.60
N ILE A 84 -13.91 12.03 2.40
CA ILE A 84 -12.56 12.17 2.96
C ILE A 84 -11.66 12.66 1.83
N VAL A 85 -11.16 13.88 1.98
CA VAL A 85 -10.39 14.53 0.93
C VAL A 85 -8.91 14.20 1.13
N MET A 86 -8.25 13.77 0.05
CA MET A 86 -6.87 13.30 0.14
C MET A 86 -6.07 13.73 -1.08
N GLU A 87 -4.75 13.63 -0.92
CA GLU A 87 -3.82 13.87 -2.00
C GLU A 87 -4.09 12.94 -3.18
N TYR A 88 -3.95 13.45 -4.40
CA TYR A 88 -4.06 12.65 -5.60
C TYR A 88 -2.66 12.25 -6.05
N CYS A 89 -2.47 10.96 -6.30
CA CYS A 89 -1.18 10.42 -6.76
C CYS A 89 -1.26 10.16 -8.26
N GLU A 90 -0.60 11.02 -9.02
CA GLU A 90 -0.77 11.03 -10.47
C GLU A 90 -0.17 9.81 -11.14
N GLY A 91 0.73 9.09 -10.48
CA GLY A 91 1.40 7.95 -11.08
C GLY A 91 0.65 6.65 -11.04
N GLY A 92 -0.56 6.62 -10.47
CA GLY A 92 -1.30 5.39 -10.38
C GLY A 92 -0.80 4.50 -9.25
N ASP A 93 -1.21 3.24 -9.32
CA ASP A 93 -0.89 2.26 -8.30
C ASP A 93 0.12 1.26 -8.83
N LEU A 94 0.68 0.47 -7.92
CA LEU A 94 1.68 -0.54 -8.29
C LEU A 94 1.05 -1.71 -9.06
N ALA A 95 -0.22 -2.01 -8.80
CA ALA A 95 -0.89 -3.06 -9.54
C ALA A 95 -0.82 -2.81 -11.05
N SER A 96 -0.98 -1.54 -11.46
CA SER A 96 -0.96 -1.21 -12.88
C SER A 96 0.45 -1.26 -13.45
N VAL A 97 1.44 -0.92 -12.63
CA VAL A 97 2.83 -1.09 -13.03
C VAL A 97 3.11 -2.56 -13.33
N ILE A 98 2.65 -3.44 -12.43
CA ILE A 98 2.88 -4.88 -12.60
C ILE A 98 2.15 -5.40 -13.83
N THR A 99 0.90 -4.98 -14.01
CA THR A 99 0.16 -5.37 -15.21
C THR A 99 0.88 -4.94 -16.48
N LYS A 100 1.40 -3.71 -16.50
CA LYS A 100 2.11 -3.21 -17.67
C LYS A 100 3.38 -4.03 -17.93
N GLY A 101 4.16 -4.27 -16.88
CA GLY A 101 5.35 -5.09 -17.06
C GLY A 101 5.02 -6.44 -17.65
N THR A 102 3.93 -7.07 -17.19
CA THR A 102 3.48 -8.32 -17.76
C THR A 102 3.18 -8.16 -19.25
N LYS A 103 2.28 -7.22 -19.58
CA LYS A 103 1.88 -7.04 -20.97
C LYS A 103 3.08 -6.72 -21.86
N GLU A 104 3.98 -5.86 -21.41
CA GLU A 104 5.15 -5.53 -22.21
C GLU A 104 6.22 -6.62 -22.16
N ARG A 105 5.98 -7.70 -21.42
CA ARG A 105 7.00 -8.73 -21.22
C ARG A 105 8.30 -8.10 -20.74
N GLN A 106 8.18 -7.15 -19.80
CA GLN A 106 9.30 -6.31 -19.37
C GLN A 106 9.36 -6.29 -17.85
N TYR A 107 10.41 -6.87 -17.29
CA TYR A 107 10.63 -6.82 -15.84
C TYR A 107 10.98 -5.39 -15.41
N LEU A 108 10.64 -5.07 -14.15
CA LEU A 108 10.88 -3.74 -13.63
C LEU A 108 12.34 -3.55 -13.23
N ASP A 109 12.83 -2.34 -13.42
CA ASP A 109 14.21 -2.00 -13.05
C ASP A 109 14.48 -2.32 -11.58
N GLU A 110 15.68 -2.83 -11.30
CA GLU A 110 16.03 -3.05 -9.90
C GLU A 110 15.99 -1.75 -9.10
N GLU A 111 16.45 -0.65 -9.71
CA GLU A 111 16.42 0.64 -9.03
C GLU A 111 15.01 1.02 -8.58
N PHE A 112 14.01 0.74 -9.41
CA PHE A 112 12.63 1.04 -9.01
C PHE A 112 12.19 0.17 -7.83
N VAL A 113 12.54 -1.12 -7.87
CA VAL A 113 12.22 -1.99 -6.75
C VAL A 113 12.89 -1.49 -5.47
N LEU A 114 14.13 -1.01 -5.57
CA LEU A 114 14.83 -0.50 -4.39
C LEU A 114 14.18 0.77 -3.88
N ARG A 115 13.68 1.61 -4.80
CA ARG A 115 12.95 2.79 -4.36
C ARG A 115 11.67 2.41 -3.62
N VAL A 116 10.94 1.42 -4.14
CA VAL A 116 9.74 0.99 -3.43
C VAL A 116 10.09 0.45 -2.06
N MET A 117 11.12 -0.41 -2.01
CA MET A 117 11.52 -0.97 -0.72
C MET A 117 11.87 0.12 0.29
N THR A 118 12.72 1.07 -0.12
CA THR A 118 13.14 2.14 0.79
C THR A 118 11.95 2.97 1.27
N GLN A 119 11.14 3.47 0.33
CA GLN A 119 10.09 4.41 0.72
C GLN A 119 8.95 3.73 1.45
N LEU A 120 8.61 2.47 1.11
CA LEU A 120 7.59 1.77 1.86
C LEU A 120 8.09 1.39 3.25
N THR A 121 9.38 1.06 3.37
CA THR A 121 9.91 0.79 4.71
C THR A 121 9.86 2.03 5.57
N LEU A 122 10.16 3.19 4.99
CA LEU A 122 10.05 4.43 5.77
C LEU A 122 8.60 4.72 6.14
N ALA A 123 7.66 4.51 5.21
CA ALA A 123 6.25 4.68 5.52
C ALA A 123 5.84 3.77 6.68
N LEU A 124 6.27 2.50 6.65
CA LEU A 124 5.93 1.59 7.73
C LEU A 124 6.55 2.04 9.05
N LYS A 125 7.81 2.46 9.01
CA LYS A 125 8.46 3.00 10.20
C LYS A 125 7.62 4.11 10.82
N GLU A 126 7.15 5.04 9.99
CA GLU A 126 6.28 6.10 10.50
C GLU A 126 4.99 5.51 11.09
N CYS A 127 4.39 4.54 10.40
CA CYS A 127 3.17 3.93 10.91
C CYS A 127 3.40 3.28 12.27
N HIS A 128 4.57 2.70 12.49
CA HIS A 128 4.87 1.99 13.74
C HIS A 128 5.10 2.97 14.89
N ARG A 129 4.59 4.19 14.76
CA ARG A 129 4.78 5.22 15.77
C ARG A 129 6.25 5.65 15.84
N LEU A 142 -1.51 -4.00 3.02
CA LEU A 142 -0.39 -3.86 2.11
C LEU A 142 -0.56 -4.75 0.88
N LYS A 143 -0.95 -4.14 -0.23
CA LYS A 143 -1.09 -4.84 -1.49
C LYS A 143 -0.78 -3.84 -2.61
N PRO A 144 -0.50 -4.34 -3.81
CA PRO A 144 -0.06 -3.40 -4.86
C PRO A 144 -1.10 -2.34 -5.18
N ALA A 145 -2.39 -2.69 -5.13
CA ALA A 145 -3.43 -1.72 -5.44
C ALA A 145 -3.58 -0.64 -4.39
N ASN A 146 -2.93 -0.79 -3.23
CA ASN A 146 -2.95 0.20 -2.16
C ASN A 146 -1.69 1.04 -2.09
N VAL A 147 -0.78 0.88 -3.04
CA VAL A 147 0.49 1.59 -3.06
C VAL A 147 0.53 2.43 -4.33
N PHE A 148 0.76 3.73 -4.18
CA PHE A 148 0.60 4.69 -5.26
C PHE A 148 1.92 5.37 -5.58
N LEU A 149 1.99 5.95 -6.77
CA LEU A 149 3.15 6.73 -7.21
C LEU A 149 2.72 8.17 -7.46
N ASP A 150 3.59 9.11 -7.10
CA ASP A 150 3.31 10.52 -7.40
C ASP A 150 3.95 10.84 -8.75
N GLY A 151 4.12 12.13 -9.05
CA GLY A 151 4.56 12.53 -10.37
C GLY A 151 6.02 12.25 -10.65
N LYS A 152 6.82 12.00 -9.60
CA LYS A 152 8.22 11.66 -9.74
C LYS A 152 8.49 10.19 -9.48
N GLN A 153 7.46 9.36 -9.42
CA GLN A 153 7.59 7.95 -9.05
C GLN A 153 8.05 7.78 -7.61
N ASN A 154 7.85 8.78 -6.76
CA ASN A 154 7.90 8.55 -5.32
C ASN A 154 6.75 7.64 -4.91
N VAL A 155 6.95 6.88 -3.84
CA VAL A 155 6.00 5.87 -3.39
C VAL A 155 5.18 6.41 -2.22
N LYS A 156 3.89 6.13 -2.23
CA LYS A 156 2.96 6.60 -1.20
C LYS A 156 2.06 5.45 -0.77
N LEU A 157 2.12 5.10 0.51
CA LEU A 157 1.19 4.13 1.08
C LEU A 157 -0.18 4.76 1.23
N GLY A 158 -1.22 4.06 0.76
CA GLY A 158 -2.56 4.58 0.80
C GLY A 158 -3.52 3.58 1.45
N ASP A 159 -4.74 4.07 1.70
CA ASP A 159 -5.79 3.26 2.31
C ASP A 159 -5.41 2.80 3.70
N VAL A 177 -13.32 -12.60 0.12
CA VAL A 177 -13.65 -12.66 -1.30
C VAL A 177 -12.40 -12.98 -2.13
N GLY A 178 -11.31 -12.27 -1.83
CA GLY A 178 -10.07 -12.46 -2.56
C GLY A 178 -9.09 -13.37 -1.86
N THR A 179 -8.13 -13.86 -2.63
CA THR A 179 -7.07 -14.70 -2.08
C THR A 179 -6.09 -13.84 -1.28
N PRO A 180 -5.85 -14.14 0.01
CA PRO A 180 -4.90 -13.34 0.80
C PRO A 180 -3.46 -13.75 0.53
N TYR A 181 -2.96 -13.32 -0.64
CA TYR A 181 -1.64 -13.78 -1.09
C TYR A 181 -0.54 -13.38 -0.13
N TYR A 182 -0.73 -12.31 0.65
CA TYR A 182 0.30 -11.77 1.50
C TYR A 182 0.11 -12.11 2.98
N MET A 183 -0.77 -13.05 3.30
CA MET A 183 -1.02 -13.39 4.70
C MET A 183 0.19 -14.12 5.27
N SER A 184 0.76 -13.60 6.37
CA SER A 184 1.96 -14.18 6.94
C SER A 184 1.64 -15.50 7.66
N PRO A 185 2.66 -16.32 7.89
CA PRO A 185 2.40 -17.61 8.55
C PRO A 185 1.83 -17.48 9.96
N GLU A 186 2.39 -16.59 10.78
CA GLU A 186 1.92 -16.49 12.15
C GLU A 186 0.46 -16.04 12.22
N GLN A 187 0.02 -15.21 11.27
CA GLN A 187 -1.35 -14.72 11.31
C GLN A 187 -2.35 -15.74 10.78
N MET A 188 -1.91 -16.78 10.07
CA MET A 188 -2.78 -17.88 9.71
C MET A 188 -2.71 -19.02 10.70
N ASN A 189 -1.72 -19.02 11.59
CA ASN A 189 -1.74 -19.82 12.80
C ASN A 189 -2.32 -19.05 13.99
N ARG A 190 -2.89 -17.87 13.73
CA ARG A 190 -3.49 -17.00 14.74
C ARG A 190 -2.48 -16.56 15.80
N MET A 191 -1.21 -16.86 15.62
CA MET A 191 -0.20 -16.59 16.66
C MET A 191 -0.16 -15.11 17.02
N SER A 192 0.21 -14.26 16.06
CA SER A 192 0.47 -12.87 16.38
C SER A 192 0.30 -12.01 15.14
N TYR A 193 0.18 -10.70 15.36
CA TYR A 193 0.27 -9.70 14.31
C TYR A 193 1.16 -8.58 14.83
N ASN A 194 2.41 -8.54 14.35
CA ASN A 194 3.41 -7.61 14.86
C ASN A 194 4.09 -6.93 13.67
N GLU A 195 4.97 -5.97 13.98
CA GLU A 195 5.83 -5.32 12.99
C GLU A 195 6.33 -6.31 11.94
N LYS A 196 6.74 -7.50 12.40
CA LYS A 196 7.36 -8.47 11.51
C LYS A 196 6.35 -9.04 10.51
N SER A 197 5.07 -9.08 10.86
CA SER A 197 4.06 -9.46 9.88
C SER A 197 3.99 -8.44 8.75
N ASP A 198 4.06 -7.16 9.09
CA ASP A 198 4.17 -6.12 8.06
C ASP A 198 5.39 -6.37 7.19
N ILE A 199 6.50 -6.80 7.80
CA ILE A 199 7.71 -7.03 7.02
C ILE A 199 7.50 -8.18 6.04
N TRP A 200 6.83 -9.24 6.48
CA TRP A 200 6.48 -10.33 5.56
C TRP A 200 5.64 -9.82 4.39
N SER A 201 4.64 -8.99 4.68
CA SER A 201 3.79 -8.48 3.59
C SER A 201 4.60 -7.65 2.62
N LEU A 202 5.49 -6.80 3.13
CA LEU A 202 6.37 -6.02 2.25
C LEU A 202 7.25 -6.93 1.41
N GLY A 203 7.73 -8.01 2.01
CA GLY A 203 8.46 -9.02 1.24
C GLY A 203 7.65 -9.57 0.08
N CYS A 204 6.40 -9.95 0.34
CA CYS A 204 5.57 -10.44 -0.78
C CYS A 204 5.40 -9.38 -1.85
N LEU A 205 5.19 -8.11 -1.46
CA LEU A 205 4.99 -7.06 -2.45
C LEU A 205 6.24 -6.88 -3.32
N LEU A 206 7.40 -6.75 -2.69
CA LEU A 206 8.64 -6.58 -3.45
C LEU A 206 8.92 -7.80 -4.32
N TYR A 207 8.67 -9.00 -3.79
CA TYR A 207 8.78 -10.20 -4.60
C TYR A 207 7.92 -10.07 -5.85
N GLU A 208 6.66 -9.70 -5.67
CA GLU A 208 5.78 -9.63 -6.83
C GLU A 208 6.23 -8.55 -7.80
N LEU A 209 6.80 -7.45 -7.29
CA LEU A 209 7.32 -6.43 -8.19
C LEU A 209 8.43 -6.99 -9.05
N CYS A 210 9.24 -7.88 -8.47
CA CYS A 210 10.39 -8.46 -9.16
C CYS A 210 9.96 -9.56 -10.14
N ALA A 211 9.14 -10.50 -9.67
CA ALA A 211 8.76 -11.66 -10.45
C ALA A 211 7.48 -11.45 -11.25
N LEU A 212 6.77 -10.36 -11.00
CA LEU A 212 5.46 -10.11 -11.59
C LEU A 212 4.45 -11.19 -11.22
N MET A 213 4.70 -11.88 -10.11
CA MET A 213 3.79 -12.87 -9.56
C MET A 213 4.09 -12.96 -8.06
N PRO A 214 3.07 -13.25 -7.26
CA PRO A 214 3.30 -13.39 -5.80
C PRO A 214 4.19 -14.58 -5.51
N PRO A 215 4.84 -14.61 -4.34
CA PRO A 215 5.74 -15.74 -4.04
C PRO A 215 5.02 -17.06 -3.90
N PHE A 216 3.77 -17.03 -3.43
CA PHE A 216 2.97 -18.22 -3.23
C PHE A 216 1.67 -18.05 -4.00
N THR A 217 1.40 -18.96 -4.93
CA THR A 217 0.17 -18.94 -5.71
C THR A 217 -0.59 -20.24 -5.48
N ALA A 218 -1.91 -20.18 -5.66
CA ALA A 218 -2.75 -21.36 -5.47
C ALA A 218 -4.19 -21.07 -5.85
N PHE A 219 -4.91 -22.10 -6.27
CA PHE A 219 -6.33 -21.94 -6.63
C PHE A 219 -7.22 -22.00 -5.39
N SER A 220 -6.79 -22.71 -4.35
CA SER A 220 -7.53 -22.83 -3.11
C SER A 220 -6.81 -22.07 -2.01
N GLN A 221 -7.58 -21.59 -1.02
CA GLN A 221 -6.95 -20.92 0.11
C GLN A 221 -6.28 -21.91 1.05
N LYS A 222 -6.75 -23.16 1.08
CA LYS A 222 -6.07 -24.19 1.87
C LYS A 222 -4.73 -24.56 1.24
N GLU A 223 -4.71 -24.72 -0.09
CA GLU A 223 -3.45 -24.93 -0.79
C GLU A 223 -2.51 -23.74 -0.57
N LEU A 224 -3.05 -22.52 -0.63
CA LEU A 224 -2.25 -21.34 -0.35
C LEU A 224 -1.68 -21.39 1.07
N ALA A 225 -2.49 -21.77 2.05
CA ALA A 225 -2.01 -21.84 3.42
C ALA A 225 -0.88 -22.86 3.54
N GLY A 226 -1.01 -24.00 2.87
CA GLY A 226 0.07 -24.98 2.88
C GLY A 226 1.35 -24.43 2.29
N LYS A 227 1.23 -23.74 1.16
CA LYS A 227 2.42 -23.16 0.54
C LYS A 227 3.07 -22.11 1.43
N ILE A 228 2.26 -21.25 2.04
CA ILE A 228 2.81 -20.22 2.94
C ILE A 228 3.50 -20.88 4.12
N ARG A 229 2.88 -21.90 4.71
CA ARG A 229 3.50 -22.60 5.83
C ARG A 229 4.83 -23.23 5.43
N GLU A 230 4.89 -23.81 4.23
CA GLU A 230 6.14 -24.41 3.77
C GLU A 230 7.23 -23.37 3.56
N GLY A 231 6.86 -22.16 3.14
CA GLY A 231 7.83 -21.09 3.04
C GLY A 231 8.81 -21.18 1.89
N LYS A 232 8.53 -21.99 0.87
CA LYS A 232 9.40 -22.14 -0.28
C LYS A 232 8.85 -21.36 -1.46
N PHE A 233 9.75 -20.79 -2.26
CA PHE A 233 9.35 -20.01 -3.43
C PHE A 233 10.53 -19.96 -4.39
N ARG A 234 10.23 -19.62 -5.64
CA ARG A 234 11.29 -19.49 -6.63
C ARG A 234 12.12 -18.24 -6.36
N ARG A 235 13.41 -18.32 -6.72
CA ARG A 235 14.21 -17.11 -6.69
C ARG A 235 13.59 -16.05 -7.61
N ILE A 236 13.75 -14.78 -7.24
CA ILE A 236 13.34 -13.71 -8.13
C ILE A 236 14.20 -13.82 -9.40
N PRO A 237 13.78 -13.23 -10.51
CA PRO A 237 14.53 -13.44 -11.77
C PRO A 237 16.00 -13.10 -11.62
N TYR A 238 16.83 -13.81 -12.39
CA TYR A 238 18.27 -13.70 -12.29
C TYR A 238 18.81 -12.33 -12.70
N ARG A 239 18.01 -11.51 -13.39
CA ARG A 239 18.46 -10.15 -13.68
C ARG A 239 18.59 -9.32 -12.42
N TYR A 240 17.97 -9.73 -11.32
CA TYR A 240 18.07 -9.02 -10.05
C TYR A 240 19.23 -9.53 -9.23
N SER A 241 19.88 -8.60 -8.53
CA SER A 241 21.07 -8.86 -7.76
C SER A 241 20.84 -9.89 -6.65
N ASP A 242 21.89 -10.66 -6.36
CA ASP A 242 21.87 -11.54 -5.21
C ASP A 242 21.56 -10.78 -3.92
N GLU A 243 22.03 -9.55 -3.79
CA GLU A 243 21.79 -8.79 -2.56
C GLU A 243 20.31 -8.43 -2.42
N LEU A 244 19.67 -8.03 -3.53
CA LEU A 244 18.23 -7.77 -3.48
C LEU A 244 17.47 -9.06 -3.18
N ASN A 245 17.84 -10.15 -3.85
CA ASN A 245 17.20 -11.42 -3.54
C ASN A 245 17.34 -11.75 -2.07
N GLU A 246 18.52 -11.52 -1.50
CA GLU A 246 18.78 -11.87 -0.11
C GLU A 246 17.87 -11.09 0.84
N ILE A 247 17.75 -9.78 0.62
CA ILE A 247 16.90 -9.00 1.53
C ILE A 247 15.44 -9.42 1.40
N ILE A 248 14.95 -9.58 0.17
CA ILE A 248 13.56 -9.98 -0.01
C ILE A 248 13.30 -11.33 0.62
N THR A 249 14.24 -12.27 0.46
CA THR A 249 14.10 -13.59 1.04
C THR A 249 14.08 -13.53 2.56
N ARG A 250 14.95 -12.70 3.15
CA ARG A 250 14.97 -12.54 4.60
C ARG A 250 13.62 -12.02 5.11
N MET A 251 13.01 -11.08 4.37
CA MET A 251 11.68 -10.63 4.77
C MET A 251 10.66 -11.75 4.71
N LEU A 252 10.90 -12.78 3.91
CA LEU A 252 9.96 -13.88 3.78
C LEU A 252 10.34 -15.08 4.65
N ASN A 253 11.14 -14.86 5.69
CA ASN A 253 11.51 -15.94 6.58
C ASN A 253 10.27 -16.43 7.32
N LEU A 254 10.20 -17.75 7.53
CA LEU A 254 9.07 -18.32 8.26
C LEU A 254 9.02 -17.85 9.70
N LYS A 255 10.18 -17.55 10.30
CA LYS A 255 10.26 -17.06 11.68
C LYS A 255 10.30 -15.55 11.67
N ASP A 256 9.34 -14.92 12.34
CA ASP A 256 9.31 -13.47 12.37
C ASP A 256 10.56 -12.88 13.00
N TYR A 257 11.15 -13.56 13.99
CA TYR A 257 12.36 -13.04 14.61
C TYR A 257 13.58 -13.15 13.72
N HIS A 258 13.49 -13.86 12.58
CA HIS A 258 14.55 -13.81 11.59
C HIS A 258 14.29 -12.78 10.50
N ARG A 259 13.14 -12.15 10.50
CA ARG A 259 12.91 -11.10 9.53
C ARG A 259 13.56 -9.80 10.01
N PRO A 260 14.12 -9.01 9.10
CA PRO A 260 14.77 -7.76 9.52
C PRO A 260 13.74 -6.72 9.94
N SER A 261 14.14 -5.89 10.90
CA SER A 261 13.34 -4.73 11.26
C SER A 261 13.47 -3.65 10.19
N VAL A 262 12.60 -2.63 10.26
CA VAL A 262 12.73 -1.50 9.35
C VAL A 262 14.13 -0.92 9.42
N GLU A 263 14.69 -0.84 10.62
CA GLU A 263 16.02 -0.24 10.78
C GLU A 263 17.08 -1.07 10.08
N GLU A 264 17.01 -2.40 10.24
CA GLU A 264 17.97 -3.27 9.55
C GLU A 264 17.79 -3.20 8.04
N ILE A 265 16.54 -3.10 7.56
CA ILE A 265 16.35 -2.90 6.13
C ILE A 265 17.05 -1.64 5.67
N LEU A 266 16.77 -0.52 6.34
CA LEU A 266 17.36 0.74 5.91
C LEU A 266 18.88 0.78 6.04
N GLU A 267 19.46 -0.09 6.88
CA GLU A 267 20.92 -0.19 6.96
C GLU A 267 21.54 -0.94 5.79
N ASN A 268 20.75 -1.60 4.96
CA ASN A 268 21.33 -2.42 3.90
C ASN A 268 22.13 -1.55 2.93
N PRO A 269 23.32 -1.99 2.51
CA PRO A 269 24.13 -1.20 1.57
C PRO A 269 23.47 -0.94 0.23
N LEU A 270 22.48 -1.74 -0.15
CA LEU A 270 21.75 -1.51 -1.39
C LEU A 270 21.04 -0.16 -1.40
N ILE A 271 20.65 0.32 -0.23
CA ILE A 271 19.72 1.45 -0.12
C ILE A 271 20.52 2.74 0.00
N LEU A 272 20.36 3.62 -0.98
CA LEU A 272 21.15 4.84 -1.13
C LEU A 272 20.23 6.06 -1.12
N GLU A 273 20.85 7.24 -1.10
CA GLU A 273 20.08 8.48 -1.03
C GLU A 273 19.05 8.55 -2.16
N HIS A 274 19.46 8.24 -3.39
CA HIS A 274 18.57 8.46 -4.53
C HIS A 274 17.36 7.52 -4.55
N HIS A 275 17.32 6.52 -3.67
CA HIS A 275 16.15 5.67 -3.54
C HIS A 275 15.07 6.29 -2.66
N HIS A 276 15.40 7.37 -1.95
CA HIS A 276 14.44 8.02 -1.07
C HIS A 276 13.55 8.98 -1.87
N HIS A 277 12.51 9.47 -1.19
CA HIS A 277 11.60 10.43 -1.78
C HIS A 277 12.32 11.75 -2.06
N HIS A 278 11.95 12.39 -3.18
CA HIS A 278 12.42 13.73 -3.52
C HIS A 278 11.26 14.54 -4.06
N HIS A 279 11.08 15.76 -3.55
CA HIS A 279 10.00 16.62 -4.01
C HIS A 279 10.22 17.06 -5.45
NA NA B . -1.11 7.12 -15.17
CL CL C . 8.35 -11.45 -18.55
CL CL D . 13.61 -18.00 -11.74
C15 LD5 E . -4.91 5.10 -10.39
C18 LD5 E . -6.47 6.71 -5.58
C19 LD5 E . -7.45 5.54 -5.49
C27 LD5 E . -6.14 7.55 -4.48
N28 LD5 E . -6.55 7.68 -3.19
C20 LD5 E . -8.75 5.52 -5.31
C01 LD5 E . -5.88 8.70 -2.66
C03 LD5 E . -5.21 8.53 -4.71
C05 LD5 E . -4.94 7.83 -6.91
C07 LD5 E . -4.41 7.18 -9.33
C08 LD5 E . -4.12 7.74 -10.56
C09 LD5 E . -4.24 6.98 -11.72
C10 LD5 E . -4.63 5.67 -11.62
C16 LD5 E . -4.80 5.86 -9.24
N02 LD5 E . -5.06 9.24 -3.55
N04 LD5 E . -4.63 8.65 -5.92
N06 LD5 E . -4.26 8.04 -8.16
N12 LD5 E . -5.21 3.09 -12.63
N17 LD5 E . -5.84 6.87 -6.74
O13 LD5 E . -3.50 4.61 -13.85
O14 LD5 E . -5.71 5.23 -14.09
S11 LD5 E . -4.78 4.65 -13.12
H151 LD5 E . -5.17 4.21 -10.33
H191 LD5 E . -7.06 4.69 -5.60
H201 LD5 E . -9.16 4.68 -5.30
H011 LD5 E . -5.98 9.00 -1.78
H081 LD5 E . -3.87 8.63 -10.62
H091 LD5 E . -4.04 7.36 -12.54
H161 LD5 E . -4.97 5.48 -8.41
H061 LD5 E . -3.72 8.71 -8.23
H122 LD5 E . -6.01 2.93 -12.31
H121 LD5 E . -4.64 2.44 -12.70
#